data_2ZB4
#
_entry.id   2ZB4
#
_cell.length_a   39.815
_cell.length_b   68.019
_cell.length_c   122.884
_cell.angle_alpha   90.00
_cell.angle_beta   90.00
_cell.angle_gamma   90.00
#
_symmetry.space_group_name_H-M   'P 21 21 21'
#
loop_
_entity.id
_entity.type
_entity.pdbx_description
1 polymer 'Prostaglandin reductase 2'
2 non-polymer 'SULFATE ION'
3 non-polymer 'NADP NICOTINAMIDE-ADENINE-DINUCLEOTIDE PHOSPHATE'
4 non-polymer '(5E,13E)-11-HYDROXY-9,15-DIOXOPROSTA-5,13-DIEN-1-OIC ACID'
5 water water
#
_entity_poly.entity_id   1
_entity_poly.type   'polypeptide(L)'
_entity_poly.pdbx_seq_one_letter_code
;AAAAAAMIVQRVVLNSRPGKNGNPVAENFRMEEVYLPDNINEGQVQVRTLYLSVDPYMRCRMNEDTGTDYITPWQLSQVV
DGGGIGIIEESKHTNLTKGDFVTSFYWPWQTKVILDGNSLEKVDPQLVDGHLSYFLGAIGMPGLTSLIGIQEKGHITAGS
NKTMVVSGAAGACGSVAGQIGHFLGCSRVVGICGTHEKCILLTSELGFDAAINYKKDNVAEQLRESCPAGVDVYFDNVGG
NISDTVISQMNENSHIILCGQISQYNKDVPYPPPLSPAIEAIQKERNITRERFLVLNYKDKFEPGILQLSQWFKEGKLKI
KETVINGLENMGAAFQSMMTGGNIGKQIVCISEEISL
;
_entity_poly.pdbx_strand_id   A
#
loop_
_chem_comp.id
_chem_comp.type
_chem_comp.name
_chem_comp.formula
5OP non-polymer '(5E,13E)-11-HYDROXY-9,15-DIOXOPROSTA-5,13-DIEN-1-OIC ACID' 'C20 H30 O5'
NAP non-polymer 'NADP NICOTINAMIDE-ADENINE-DINUCLEOTIDE PHOSPHATE' 'C21 H28 N7 O17 P3'
SO4 non-polymer 'SULFATE ION' 'O4 S -2'
#
# COMPACT_ATOMS: atom_id res chain seq x y z
N ALA A 6 31.93 11.03 14.16
CA ALA A 6 30.49 10.73 14.35
C ALA A 6 29.68 11.72 13.50
N MET A 7 29.10 11.25 12.41
CA MET A 7 28.34 12.15 11.57
C MET A 7 27.00 12.42 12.25
N ILE A 8 26.40 13.56 12.01
CA ILE A 8 25.07 13.85 12.58
C ILE A 8 24.01 13.36 11.60
N VAL A 9 23.06 12.62 12.11
CA VAL A 9 21.97 12.18 11.24
C VAL A 9 20.66 12.54 11.91
N GLN A 10 19.63 12.65 11.10
CA GLN A 10 18.31 12.91 11.63
C GLN A 10 17.53 11.57 11.68
N ARG A 11 16.67 11.37 12.67
CA ARG A 11 15.84 10.18 12.71
C ARG A 11 14.47 10.56 13.28
N VAL A 12 13.50 9.73 12.98
CA VAL A 12 12.15 9.90 13.48
C VAL A 12 11.80 8.81 14.46
N VAL A 13 11.29 9.22 15.63
CA VAL A 13 10.88 8.29 16.66
C VAL A 13 9.38 8.50 16.94
N LEU A 14 8.78 7.48 17.56
CA LEU A 14 7.35 7.53 17.92
C LEU A 14 7.31 8.43 19.17
N ASN A 15 6.66 9.57 19.05
CA ASN A 15 6.57 10.53 20.13
C ASN A 15 5.39 10.22 21.05
N SER A 16 4.25 9.88 20.46
CA SER A 16 3.07 9.53 21.29
C SER A 16 2.14 8.58 20.52
N ARG A 17 1.28 7.85 21.23
CA ARG A 17 0.31 6.95 20.59
C ARG A 17 -1.02 7.66 20.61
N PRO A 18 -1.78 7.61 19.52
CA PRO A 18 -3.09 8.25 19.40
C PRO A 18 -4.20 7.47 20.14
N GLY A 19 -3.91 6.22 20.53
CA GLY A 19 -4.87 5.34 21.16
C GLY A 19 -5.56 4.47 20.09
N LYS A 20 -5.95 3.25 20.44
CA LYS A 20 -6.58 2.37 19.47
C LYS A 20 -7.81 3.02 18.81
N ASN A 21 -8.51 3.87 19.54
CA ASN A 21 -9.67 4.55 18.93
C ASN A 21 -9.45 5.98 18.45
N GLY A 22 -8.20 6.39 18.37
CA GLY A 22 -7.88 7.74 17.97
C GLY A 22 -7.42 8.00 16.54
N ASN A 23 -7.28 9.29 16.17
CA ASN A 23 -6.80 9.61 14.83
C ASN A 23 -5.31 9.96 14.83
N PRO A 24 -4.55 9.42 13.87
CA PRO A 24 -3.12 9.73 13.87
C PRO A 24 -2.80 11.16 13.41
N VAL A 25 -1.81 11.80 14.02
CA VAL A 25 -1.43 13.13 13.55
C VAL A 25 0.10 13.20 13.42
N ALA A 26 0.59 14.19 12.69
CA ALA A 26 2.03 14.38 12.47
C ALA A 26 2.76 14.40 13.80
N GLU A 27 2.17 15.04 14.80
CA GLU A 27 2.84 15.13 16.07
C GLU A 27 2.99 13.82 16.87
N ASN A 28 2.47 12.71 16.36
CA ASN A 28 2.64 11.42 17.02
C ASN A 28 4.09 10.94 16.76
N PHE A 29 4.76 11.69 15.90
CA PHE A 29 6.14 11.37 15.53
C PHE A 29 6.98 12.57 15.88
N ARG A 30 8.28 12.37 16.08
CA ARG A 30 9.18 13.47 16.41
C ARG A 30 10.53 13.25 15.75
N MET A 31 11.13 14.31 15.22
CA MET A 31 12.44 14.17 14.59
C MET A 31 13.53 14.66 15.51
N GLU A 32 14.60 13.90 15.64
CA GLU A 32 15.73 14.28 16.47
C GLU A 32 17.01 13.91 15.77
N GLU A 33 18.12 14.35 16.35
CA GLU A 33 19.43 14.05 15.77
C GLU A 33 20.18 13.09 16.68
N VAL A 34 20.97 12.22 16.07
CA VAL A 34 21.80 11.31 16.80
C VAL A 34 23.13 11.29 16.06
N TYR A 35 24.16 10.77 16.73
CA TYR A 35 25.47 10.66 16.09
C TYR A 35 25.63 9.29 15.50
N LEU A 36 26.20 9.23 14.33
CA LEU A 36 26.37 7.94 13.69
C LEU A 36 27.74 7.34 13.97
N PRO A 37 27.85 6.00 14.06
CA PRO A 37 29.16 5.40 14.31
C PRO A 37 30.16 5.80 13.26
N ASP A 38 31.42 5.87 13.62
CA ASP A 38 32.45 6.16 12.64
C ASP A 38 32.90 4.77 12.26
N ASN A 39 32.47 3.87 13.13
CA ASN A 39 32.70 2.44 13.21
C ASN A 39 31.80 1.51 12.34
N ILE A 40 32.26 1.03 11.18
CA ILE A 40 31.44 0.06 10.42
C ILE A 40 32.12 -1.31 10.61
N ASN A 41 31.43 -2.25 11.27
CA ASN A 41 31.92 -3.62 11.55
C ASN A 41 31.75 -4.59 10.40
N GLU A 42 32.57 -5.65 10.40
CA GLU A 42 32.48 -6.68 9.36
C GLU A 42 31.03 -7.22 9.25
N GLY A 43 30.50 -7.29 8.04
CA GLY A 43 29.13 -7.76 7.87
C GLY A 43 28.14 -6.59 7.84
N GLN A 44 28.61 -5.41 8.16
CA GLN A 44 27.75 -4.20 8.16
C GLN A 44 27.97 -3.33 6.93
N VAL A 45 26.98 -2.49 6.65
CA VAL A 45 27.12 -1.51 5.59
C VAL A 45 26.56 -0.20 6.11
N GLN A 46 27.02 0.88 5.50
CA GLN A 46 26.48 2.20 5.80
C GLN A 46 25.66 2.58 4.56
N VAL A 47 24.40 2.97 4.76
CA VAL A 47 23.52 3.32 3.64
C VAL A 47 22.99 4.75 3.80
N ARG A 48 22.76 5.41 2.68
CA ARG A 48 22.13 6.72 2.63
C ARG A 48 20.68 6.39 2.17
N THR A 49 19.71 6.80 3.02
CA THR A 49 18.30 6.56 2.71
C THR A 49 17.84 7.46 1.56
N LEU A 50 17.13 6.87 0.58
CA LEU A 50 16.70 7.64 -0.58
C LEU A 50 15.18 7.85 -0.53
N TYR A 51 14.43 6.78 -0.29
CA TYR A 51 12.97 6.89 -0.18
C TYR A 51 12.44 6.02 0.94
N LEU A 52 11.42 6.55 1.63
CA LEU A 52 10.72 5.78 2.64
C LEU A 52 9.26 5.72 2.28
N SER A 53 8.65 4.60 2.61
CA SER A 53 7.23 4.43 2.39
C SER A 53 6.38 4.80 3.64
N VAL A 54 5.15 5.26 3.44
CA VAL A 54 4.22 5.26 4.59
C VAL A 54 3.05 4.42 4.08
N ASP A 55 2.40 3.67 4.98
CA ASP A 55 1.36 2.73 4.58
C ASP A 55 0.30 2.59 5.62
N PRO A 56 -0.92 2.23 5.16
CA PRO A 56 -2.02 2.08 6.14
C PRO A 56 -1.72 1.07 7.26
N TYR A 57 -1.00 -0.02 6.98
CA TYR A 57 -0.75 -0.99 8.07
C TYR A 57 0.02 -0.37 9.25
N MET A 58 0.71 0.75 9.01
CA MET A 58 1.47 1.40 10.05
C MET A 58 0.55 1.93 11.12
N ARG A 59 -0.73 2.12 10.80
CA ARG A 59 -1.67 2.70 11.83
C ARG A 59 -1.72 1.73 13.01
N CYS A 60 -1.63 0.44 12.75
CA CYS A 60 -1.71 -0.47 13.91
C CYS A 60 -0.41 -0.57 14.67
N ARG A 61 0.71 -0.20 14.03
CA ARG A 61 1.97 -0.26 14.73
C ARG A 61 2.05 0.89 15.73
N MET A 62 1.15 1.87 15.59
CA MET A 62 1.16 2.99 16.49
C MET A 62 0.46 2.57 17.80
N ASN A 63 -0.27 1.46 17.77
CA ASN A 63 -0.93 0.96 18.97
C ASN A 63 0.00 0.13 19.84
N GLU A 64 -0.34 0.05 21.11
CA GLU A 64 0.51 -0.74 22.03
C GLU A 64 0.48 -2.21 21.66
N ASP A 65 -0.67 -2.65 21.17
CA ASP A 65 -0.89 -4.03 20.72
C ASP A 65 -1.40 -3.91 19.28
N THR A 66 -0.70 -4.51 18.32
CA THR A 66 -1.10 -4.42 16.91
C THR A 66 -2.31 -5.23 16.50
N GLY A 67 -2.58 -6.31 17.20
CA GLY A 67 -3.70 -7.14 16.80
C GLY A 67 -3.23 -8.48 16.27
N THR A 68 -1.99 -8.58 15.81
CA THR A 68 -1.53 -9.88 15.35
C THR A 68 -0.09 -10.19 15.57
N ASP A 69 0.29 -11.42 15.21
CA ASP A 69 1.64 -11.93 15.36
C ASP A 69 2.55 -11.44 14.25
N TYR A 70 1.96 -11.15 13.08
CA TYR A 70 2.74 -10.73 11.91
C TYR A 70 3.33 -9.33 11.94
N ILE A 71 2.87 -8.46 12.84
CA ILE A 71 3.49 -7.14 12.89
C ILE A 71 3.62 -6.66 14.34
N THR A 72 4.80 -6.16 14.68
CA THR A 72 5.08 -5.74 16.03
C THR A 72 4.83 -4.28 16.23
N PRO A 73 4.46 -3.89 17.45
CA PRO A 73 4.19 -2.48 17.73
C PRO A 73 5.46 -1.61 17.73
N TRP A 74 5.36 -0.35 17.32
CA TRP A 74 6.50 0.53 17.42
C TRP A 74 6.60 0.93 18.91
N GLN A 75 7.81 1.28 19.35
CA GLN A 75 8.05 1.66 20.75
C GLN A 75 8.25 3.17 20.97
N LEU A 76 7.69 3.71 22.04
CA LEU A 76 7.84 5.11 22.30
C LEU A 76 9.31 5.46 22.46
N SER A 77 9.66 6.59 21.87
CA SER A 77 10.99 7.16 21.89
C SER A 77 12.04 6.42 21.13
N GLN A 78 11.63 5.40 20.39
CA GLN A 78 12.57 4.61 19.60
C GLN A 78 12.34 4.93 18.13
N VAL A 79 13.37 4.72 17.32
CA VAL A 79 13.24 5.03 15.90
C VAL A 79 12.17 4.14 15.23
N VAL A 80 11.40 4.77 14.34
CA VAL A 80 10.34 4.10 13.60
C VAL A 80 11.02 3.40 12.41
N ASP A 81 10.36 2.43 11.84
CA ASP A 81 10.90 1.75 10.63
C ASP A 81 9.80 1.31 9.69
N GLY A 82 10.19 0.98 8.45
CA GLY A 82 9.23 0.50 7.48
C GLY A 82 9.92 0.31 6.14
N GLY A 83 9.13 0.17 5.08
CA GLY A 83 9.75 -0.03 3.78
C GLY A 83 10.64 1.13 3.37
N GLY A 84 11.85 0.83 2.87
CA GLY A 84 12.73 1.89 2.43
C GLY A 84 13.66 1.43 1.35
N ILE A 85 14.26 2.41 0.69
CA ILE A 85 15.20 2.12 -0.43
C ILE A 85 16.38 3.06 -0.18
N GLY A 86 17.62 2.58 -0.41
CA GLY A 86 18.75 3.49 -0.24
C GLY A 86 19.94 3.03 -1.06
N ILE A 87 21.04 3.77 -0.92
CA ILE A 87 22.29 3.44 -1.66
C ILE A 87 23.38 3.13 -0.67
N ILE A 88 24.19 2.12 -0.99
CA ILE A 88 25.25 1.77 -0.06
C ILE A 88 26.37 2.77 -0.24
N GLU A 89 26.81 3.34 0.87
CA GLU A 89 27.91 4.29 0.81
C GLU A 89 29.24 3.67 1.20
N GLU A 90 29.18 2.61 1.99
CA GLU A 90 30.36 1.90 2.47
C GLU A 90 29.93 0.52 2.86
N SER A 91 30.76 -0.48 2.47
CA SER A 91 30.42 -1.84 2.79
C SER A 91 31.56 -2.66 3.34
N LYS A 92 31.29 -3.43 4.38
CA LYS A 92 32.26 -4.39 4.95
C LYS A 92 31.47 -5.69 5.02
N HIS A 93 30.54 -5.84 4.09
CA HIS A 93 29.73 -7.05 4.00
C HIS A 93 30.22 -7.70 2.71
N THR A 94 30.67 -8.95 2.80
CA THR A 94 31.26 -9.58 1.63
C THR A 94 30.40 -9.75 0.38
N ASN A 95 29.09 -9.52 0.49
CA ASN A 95 28.23 -9.63 -0.69
C ASN A 95 27.46 -8.34 -1.09
N LEU A 96 27.90 -7.18 -0.61
CA LEU A 96 27.31 -5.88 -0.99
C LEU A 96 28.46 -4.87 -1.33
N THR A 97 28.23 -4.03 -2.32
CA THR A 97 29.25 -3.07 -2.76
C THR A 97 28.76 -1.63 -2.74
N LYS A 98 29.69 -0.69 -2.54
CA LYS A 98 29.40 0.74 -2.58
C LYS A 98 28.71 1.01 -3.91
N GLY A 99 27.59 1.76 -3.86
CA GLY A 99 26.82 2.10 -5.02
C GLY A 99 25.66 1.15 -5.28
N ASP A 100 25.62 0.02 -4.60
CA ASP A 100 24.51 -0.93 -4.76
C ASP A 100 23.23 -0.22 -4.21
N PHE A 101 22.07 -0.52 -4.78
CA PHE A 101 20.76 -0.02 -4.27
C PHE A 101 20.13 -1.19 -3.53
N VAL A 102 19.58 -0.91 -2.36
CA VAL A 102 19.04 -1.95 -1.52
C VAL A 102 17.75 -1.51 -0.86
N THR A 103 17.00 -2.51 -0.41
CA THR A 103 15.71 -2.22 0.25
C THR A 103 15.59 -3.12 1.50
N SER A 104 14.65 -2.75 2.36
CA SER A 104 14.36 -3.56 3.54
C SER A 104 12.94 -3.19 3.92
N PHE A 105 12.24 -4.13 4.52
CA PHE A 105 10.88 -3.82 5.02
C PHE A 105 11.04 -3.18 6.40
N TYR A 106 12.27 -3.19 6.94
CA TYR A 106 12.54 -2.68 8.28
C TYR A 106 13.59 -1.59 8.30
N TRP A 107 13.44 -0.67 7.34
CA TRP A 107 14.39 0.42 7.19
C TRP A 107 14.10 1.50 8.23
N PRO A 108 15.07 1.85 9.07
CA PRO A 108 14.78 2.88 10.08
C PRO A 108 14.54 4.24 9.43
N TRP A 109 13.64 5.05 10.02
CA TRP A 109 13.38 6.39 9.51
C TRP A 109 14.54 7.27 9.95
N GLN A 110 15.64 7.21 9.20
CA GLN A 110 16.87 7.90 9.54
C GLN A 110 17.60 8.21 8.25
N THR A 111 18.31 9.33 8.23
CA THR A 111 18.94 9.78 6.97
C THR A 111 20.08 8.88 6.53
N LYS A 112 20.95 8.45 7.44
CA LYS A 112 22.04 7.50 7.09
C LYS A 112 22.01 6.47 8.21
N VAL A 113 22.33 5.22 7.89
CA VAL A 113 22.22 4.18 8.91
C VAL A 113 23.27 3.09 8.67
N ILE A 114 23.70 2.45 9.77
CA ILE A 114 24.63 1.30 9.69
C ILE A 114 23.69 0.13 9.97
N LEU A 115 23.64 -0.79 9.01
CA LEU A 115 22.76 -1.94 9.10
C LEU A 115 23.53 -3.20 8.83
N ASP A 116 22.99 -4.29 9.35
CA ASP A 116 23.59 -5.60 9.10
C ASP A 116 23.24 -5.91 7.63
N GLY A 117 24.25 -6.17 6.81
CA GLY A 117 24.02 -6.48 5.40
C GLY A 117 23.04 -7.62 5.16
N ASN A 118 22.98 -8.60 6.06
CA ASN A 118 22.03 -9.70 5.88
C ASN A 118 20.57 -9.28 6.00
N SER A 119 20.32 -8.12 6.59
CA SER A 119 18.95 -7.63 6.72
C SER A 119 18.49 -6.83 5.48
N LEU A 120 19.33 -6.75 4.46
CA LEU A 120 19.00 -5.98 3.24
C LEU A 120 18.85 -6.84 1.99
N GLU A 121 18.11 -6.33 1.01
CA GLU A 121 17.94 -7.03 -0.28
C GLU A 121 18.41 -6.09 -1.38
N LYS A 122 19.25 -6.59 -2.27
CA LYS A 122 19.74 -5.81 -3.35
C LYS A 122 18.69 -5.76 -4.44
N VAL A 123 18.40 -4.55 -4.94
CA VAL A 123 17.41 -4.40 -6.00
C VAL A 123 18.04 -4.15 -7.36
N ASP A 124 17.26 -4.42 -8.39
CA ASP A 124 17.74 -4.29 -9.78
C ASP A 124 17.03 -3.10 -10.45
N PRO A 125 17.70 -1.93 -10.53
CA PRO A 125 17.05 -0.77 -11.12
C PRO A 125 16.39 -0.94 -12.47
N GLN A 126 16.94 -1.81 -13.29
CA GLN A 126 16.29 -2.00 -14.55
C GLN A 126 14.85 -2.52 -14.50
N LEU A 127 14.42 -3.17 -13.41
CA LEU A 127 13.05 -3.64 -13.34
C LEU A 127 12.05 -2.52 -13.26
N VAL A 128 12.51 -1.34 -12.83
CA VAL A 128 11.64 -0.17 -12.65
C VAL A 128 12.05 1.05 -13.47
N ASP A 129 12.86 0.82 -14.50
CA ASP A 129 13.37 1.89 -15.35
C ASP A 129 14.03 3.00 -14.50
N GLY A 130 14.70 2.58 -13.44
CA GLY A 130 15.38 3.54 -12.60
C GLY A 130 14.54 4.28 -11.54
N HIS A 131 13.23 4.05 -11.52
CA HIS A 131 12.32 4.67 -10.51
C HIS A 131 12.34 3.76 -9.27
N LEU A 132 13.37 3.93 -8.45
CA LEU A 132 13.54 3.05 -7.29
C LEU A 132 12.34 3.08 -6.35
N SER A 133 11.65 4.20 -6.31
CA SER A 133 10.51 4.28 -5.37
C SER A 133 9.38 3.33 -5.80
N TYR A 134 9.36 2.88 -7.06
CA TYR A 134 8.33 1.91 -7.48
C TYR A 134 8.47 0.57 -6.74
N PHE A 135 9.65 0.28 -6.19
CA PHE A 135 9.85 -0.98 -5.44
C PHE A 135 9.09 -0.89 -4.10
N LEU A 136 8.64 0.29 -3.71
CA LEU A 136 7.84 0.40 -2.48
C LEU A 136 6.35 0.45 -2.81
N GLY A 137 6.03 0.31 -4.08
CA GLY A 137 4.67 0.43 -4.55
C GLY A 137 4.19 -0.59 -5.58
N ALA A 138 3.95 -0.11 -6.79
CA ALA A 138 3.34 -0.96 -7.82
C ALA A 138 4.25 -2.13 -8.18
N ILE A 139 5.57 -1.94 -8.08
CA ILE A 139 6.47 -3.09 -8.33
C ILE A 139 7.04 -3.48 -6.96
N GLY A 140 6.12 -3.56 -5.99
CA GLY A 140 6.53 -3.84 -4.63
C GLY A 140 5.35 -4.45 -3.89
N MET A 141 5.34 -4.25 -2.55
CA MET A 141 4.29 -4.90 -1.78
C MET A 141 2.84 -4.54 -2.15
N PRO A 142 2.54 -3.26 -2.35
CA PRO A 142 1.17 -2.94 -2.72
C PRO A 142 0.75 -3.55 -4.07
N GLY A 143 1.65 -3.49 -5.09
CA GLY A 143 1.27 -4.06 -6.37
C GLY A 143 1.13 -5.59 -6.30
N LEU A 144 1.98 -6.21 -5.49
CA LEU A 144 1.91 -7.67 -5.29
C LEU A 144 0.61 -8.02 -4.60
N THR A 145 0.22 -7.19 -3.64
CA THR A 145 -1.05 -7.44 -2.93
C THR A 145 -2.22 -7.39 -3.92
N SER A 146 -2.24 -6.41 -4.82
CA SER A 146 -3.30 -6.34 -5.80
C SER A 146 -3.31 -7.51 -6.80
N LEU A 147 -2.14 -7.83 -7.32
CA LEU A 147 -2.04 -8.94 -8.25
C LEU A 147 -2.40 -10.29 -7.63
N ILE A 148 -1.75 -10.65 -6.54
CA ILE A 148 -2.00 -11.95 -5.89
C ILE A 148 -3.40 -11.95 -5.35
N GLY A 149 -3.83 -10.82 -4.79
CA GLY A 149 -5.22 -10.85 -4.34
C GLY A 149 -6.28 -11.19 -5.43
N ILE A 150 -6.14 -10.58 -6.60
CA ILE A 150 -7.03 -10.81 -7.70
C ILE A 150 -6.85 -12.25 -8.21
N GLN A 151 -5.60 -12.70 -8.34
CA GLN A 151 -5.37 -14.06 -8.83
C GLN A 151 -5.90 -15.12 -7.88
N GLU A 152 -5.75 -14.91 -6.58
CA GLU A 152 -6.23 -15.92 -5.60
C GLU A 152 -7.66 -15.81 -5.17
N LYS A 153 -8.19 -14.59 -5.14
CA LYS A 153 -9.53 -14.41 -4.64
C LYS A 153 -10.57 -13.85 -5.60
N GLY A 154 -10.14 -13.39 -6.75
CA GLY A 154 -11.09 -12.76 -7.64
C GLY A 154 -11.93 -13.64 -8.54
N HIS A 155 -11.39 -14.80 -8.89
CA HIS A 155 -12.06 -15.76 -9.78
C HIS A 155 -12.46 -15.19 -11.12
N ILE A 156 -11.51 -14.47 -11.74
CA ILE A 156 -11.69 -13.85 -13.03
C ILE A 156 -11.06 -14.69 -14.13
N THR A 157 -11.73 -14.78 -15.26
CA THR A 157 -11.18 -15.51 -16.39
C THR A 157 -11.35 -14.63 -17.62
N ALA A 158 -10.39 -14.70 -18.54
CA ALA A 158 -10.54 -13.94 -19.76
C ALA A 158 -11.86 -14.46 -20.40
N GLY A 159 -12.69 -13.54 -20.90
CA GLY A 159 -13.93 -13.96 -21.54
C GLY A 159 -15.20 -14.02 -20.72
N SER A 160 -15.12 -13.88 -19.41
CA SER A 160 -16.33 -13.94 -18.60
C SER A 160 -17.06 -12.59 -18.46
N ASN A 161 -16.49 -11.55 -19.01
CA ASN A 161 -17.14 -10.23 -18.95
C ASN A 161 -17.70 -9.80 -17.61
N LYS A 162 -16.90 -9.99 -16.58
CA LYS A 162 -17.31 -9.64 -15.25
C LYS A 162 -17.09 -8.16 -14.92
N THR A 163 -17.87 -7.65 -13.99
CA THR A 163 -17.71 -6.25 -13.52
C THR A 163 -17.01 -6.26 -12.18
N MET A 164 -15.97 -5.43 -12.08
CA MET A 164 -15.19 -5.29 -10.89
C MET A 164 -15.36 -3.84 -10.34
N VAL A 165 -15.65 -3.74 -9.06
CA VAL A 165 -15.67 -2.43 -8.38
C VAL A 165 -14.44 -2.43 -7.47
N VAL A 166 -13.71 -1.32 -7.43
CA VAL A 166 -12.54 -1.16 -6.55
C VAL A 166 -12.78 0.01 -5.63
N SER A 167 -12.71 -0.21 -4.33
CA SER A 167 -12.78 0.90 -3.38
C SER A 167 -11.31 1.33 -3.11
N GLY A 168 -11.10 2.52 -2.56
CA GLY A 168 -9.73 3.09 -2.42
C GLY A 168 -9.12 3.06 -3.85
N ALA A 169 -9.91 3.33 -4.87
CA ALA A 169 -9.42 3.11 -6.25
C ALA A 169 -8.25 3.94 -6.72
N ALA A 170 -8.07 5.10 -6.11
CA ALA A 170 -6.97 5.96 -6.56
C ALA A 170 -5.74 5.86 -5.66
N GLY A 171 -5.71 4.88 -4.75
CA GLY A 171 -4.55 4.65 -3.88
C GLY A 171 -3.56 3.70 -4.54
N ALA A 172 -2.59 3.26 -3.75
CA ALA A 172 -1.55 2.36 -4.32
C ALA A 172 -2.13 1.00 -4.76
N CYS A 173 -2.77 0.32 -3.85
CA CYS A 173 -3.29 -0.97 -4.23
C CYS A 173 -4.43 -0.87 -5.24
N GLY A 174 -5.30 0.11 -5.02
CA GLY A 174 -6.49 0.24 -5.87
C GLY A 174 -6.21 0.66 -7.29
N SER A 175 -5.30 1.62 -7.44
CA SER A 175 -4.98 2.08 -8.81
C SER A 175 -4.39 0.95 -9.66
N VAL A 176 -3.64 0.07 -8.98
CA VAL A 176 -3.03 -1.08 -9.69
C VAL A 176 -4.12 -2.15 -9.89
N ALA A 177 -4.88 -2.43 -8.81
CA ALA A 177 -5.96 -3.45 -8.93
C ALA A 177 -6.95 -3.26 -10.07
N GLY A 178 -7.41 -2.02 -10.31
CA GLY A 178 -8.36 -1.81 -11.40
C GLY A 178 -7.75 -2.11 -12.76
N GLN A 179 -6.47 -1.76 -12.91
CA GLN A 179 -5.79 -2.04 -14.18
C GLN A 179 -5.63 -3.54 -14.38
N ILE A 180 -5.16 -4.23 -13.34
CA ILE A 180 -5.00 -5.70 -13.41
C ILE A 180 -6.38 -6.34 -13.72
N GLY A 181 -7.43 -5.81 -13.12
CA GLY A 181 -8.76 -6.30 -13.43
C GLY A 181 -9.02 -6.35 -14.94
N HIS A 182 -8.68 -5.29 -15.65
CA HIS A 182 -8.86 -5.26 -17.09
C HIS A 182 -7.87 -6.22 -17.74
N PHE A 183 -6.62 -6.22 -17.28
CA PHE A 183 -5.62 -7.14 -17.91
C PHE A 183 -6.05 -8.58 -17.88
N LEU A 184 -6.65 -8.98 -16.76
CA LEU A 184 -7.03 -10.39 -16.55
C LEU A 184 -8.42 -10.83 -16.99
N GLY A 185 -9.18 -9.94 -17.60
CA GLY A 185 -10.47 -10.41 -18.07
C GLY A 185 -11.73 -9.66 -17.71
N CYS A 186 -11.70 -8.79 -16.70
CA CYS A 186 -12.91 -8.04 -16.40
C CYS A 186 -13.21 -7.11 -17.54
N SER A 187 -14.48 -7.03 -17.94
CA SER A 187 -14.88 -6.11 -19.00
C SER A 187 -15.14 -4.70 -18.49
N ARG A 188 -15.66 -4.60 -17.28
CA ARG A 188 -15.98 -3.31 -16.67
C ARG A 188 -15.26 -3.17 -15.34
N VAL A 189 -14.61 -2.02 -15.13
CA VAL A 189 -13.89 -1.77 -13.85
C VAL A 189 -14.31 -0.37 -13.42
N VAL A 190 -14.95 -0.31 -12.25
CA VAL A 190 -15.48 0.97 -11.71
C VAL A 190 -14.80 1.24 -10.37
N GLY A 191 -14.29 2.46 -10.22
CA GLY A 191 -13.59 2.79 -9.00
C GLY A 191 -14.33 3.78 -8.12
N ILE A 192 -14.16 3.63 -6.84
CA ILE A 192 -14.80 4.53 -5.87
C ILE A 192 -13.66 5.18 -5.12
N CYS A 193 -13.69 6.53 -5.06
CA CYS A 193 -12.59 7.23 -4.38
C CYS A 193 -13.14 8.50 -3.77
N GLY A 194 -12.27 9.25 -3.10
CA GLY A 194 -12.78 10.40 -2.33
C GLY A 194 -12.71 11.79 -2.92
N THR A 195 -12.17 11.93 -4.10
CA THR A 195 -12.09 13.30 -4.67
C THR A 195 -12.42 13.35 -6.14
N HIS A 196 -12.85 14.52 -6.58
CA HIS A 196 -13.16 14.75 -7.97
C HIS A 196 -11.93 14.58 -8.85
N GLU A 197 -10.80 15.11 -8.40
CA GLU A 197 -9.56 15.00 -9.15
C GLU A 197 -9.16 13.56 -9.29
N LYS A 198 -9.33 12.77 -8.24
CA LYS A 198 -9.01 11.32 -8.36
C LYS A 198 -9.92 10.65 -9.36
N CYS A 199 -11.19 11.03 -9.36
CA CYS A 199 -12.16 10.44 -10.31
C CYS A 199 -11.68 10.72 -11.76
N ILE A 200 -11.24 11.95 -12.00
CA ILE A 200 -10.74 12.31 -13.31
C ILE A 200 -9.56 11.45 -13.74
N LEU A 201 -8.63 11.23 -12.82
CA LEU A 201 -7.47 10.43 -13.16
C LEU A 201 -7.84 8.98 -13.40
N LEU A 202 -8.78 8.46 -12.62
CA LEU A 202 -9.16 7.03 -12.82
C LEU A 202 -9.63 6.69 -14.24
N THR A 203 -10.45 7.57 -14.80
CA THR A 203 -10.98 7.33 -16.15
C THR A 203 -10.09 7.89 -17.28
N SER A 204 -9.34 8.95 -17.01
CA SER A 204 -8.52 9.56 -18.08
C SER A 204 -7.17 8.96 -18.31
N GLU A 205 -6.57 8.44 -17.24
CA GLU A 205 -5.24 7.88 -17.35
C GLU A 205 -5.19 6.37 -17.02
N LEU A 206 -5.99 5.95 -16.04
CA LEU A 206 -5.88 4.54 -15.58
C LEU A 206 -6.83 3.51 -16.21
N GLY A 207 -7.56 3.92 -17.25
CA GLY A 207 -8.41 2.97 -17.90
C GLY A 207 -9.68 2.53 -17.20
N PHE A 208 -10.03 3.11 -16.04
CA PHE A 208 -11.30 2.70 -15.41
C PHE A 208 -12.47 3.09 -16.30
N ASP A 209 -13.53 2.28 -16.28
CA ASP A 209 -14.70 2.60 -17.08
C ASP A 209 -15.58 3.68 -16.49
N ALA A 210 -15.53 3.81 -15.16
CA ALA A 210 -16.27 4.85 -14.45
C ALA A 210 -15.66 5.07 -13.10
N ALA A 211 -15.93 6.24 -12.54
CA ALA A 211 -15.38 6.60 -11.22
C ALA A 211 -16.47 7.29 -10.45
N ILE A 212 -16.55 6.92 -9.18
CA ILE A 212 -17.52 7.44 -8.22
C ILE A 212 -16.85 8.15 -7.08
N ASN A 213 -17.31 9.38 -6.74
CA ASN A 213 -16.71 10.11 -5.63
C ASN A 213 -17.63 9.81 -4.45
N TYR A 214 -17.16 9.09 -3.42
CA TYR A 214 -18.07 8.75 -2.31
C TYR A 214 -18.43 9.89 -1.40
N LYS A 215 -17.74 11.01 -1.54
CA LYS A 215 -18.03 12.12 -0.65
C LYS A 215 -19.08 13.03 -1.28
N LYS A 216 -19.17 13.01 -2.60
CA LYS A 216 -20.05 13.89 -3.34
C LYS A 216 -21.14 13.28 -4.15
N ASP A 217 -21.08 11.97 -4.33
CA ASP A 217 -22.06 11.22 -5.13
C ASP A 217 -22.97 10.32 -4.27
N ASN A 218 -24.12 9.95 -4.84
CA ASN A 218 -25.05 9.04 -4.21
C ASN A 218 -24.34 7.73 -4.70
N VAL A 219 -23.62 7.01 -3.81
CA VAL A 219 -22.87 5.82 -4.28
C VAL A 219 -23.76 4.76 -4.82
N ALA A 220 -24.84 4.43 -4.12
CA ALA A 220 -25.74 3.40 -4.64
C ALA A 220 -26.30 3.74 -6.05
N GLU A 221 -26.75 4.99 -6.20
CA GLU A 221 -27.26 5.45 -7.49
C GLU A 221 -26.20 5.33 -8.59
N GLN A 222 -24.96 5.74 -8.27
CA GLN A 222 -23.88 5.68 -9.27
C GLN A 222 -23.49 4.23 -9.55
N LEU A 223 -23.57 3.35 -8.55
CA LEU A 223 -23.25 1.94 -8.83
C LEU A 223 -24.34 1.38 -9.79
N ARG A 224 -25.59 1.75 -9.57
CA ARG A 224 -26.64 1.23 -10.46
C ARG A 224 -26.44 1.70 -11.89
N GLU A 225 -25.92 2.91 -12.08
CA GLU A 225 -25.68 3.42 -13.43
C GLU A 225 -24.43 2.86 -14.10
N SER A 226 -23.32 2.83 -13.36
CA SER A 226 -22.06 2.32 -13.87
C SER A 226 -21.89 0.82 -13.88
N CYS A 227 -22.65 0.11 -13.06
CA CYS A 227 -22.54 -1.36 -13.03
C CYS A 227 -23.94 -1.82 -13.32
N PRO A 228 -24.38 -1.66 -14.59
CA PRO A 228 -25.74 -2.06 -14.97
C PRO A 228 -26.08 -3.53 -14.79
N ALA A 229 -25.07 -4.39 -14.78
CA ALA A 229 -25.22 -5.85 -14.61
C ALA A 229 -24.75 -6.28 -13.23
N GLY A 230 -24.79 -5.38 -12.23
CA GLY A 230 -24.34 -5.82 -10.94
C GLY A 230 -22.83 -5.88 -10.78
N VAL A 231 -22.40 -6.32 -9.60
CA VAL A 231 -20.96 -6.37 -9.30
C VAL A 231 -20.55 -7.83 -9.04
N ASP A 232 -19.55 -8.30 -9.76
CA ASP A 232 -19.10 -9.69 -9.68
C ASP A 232 -17.88 -9.84 -8.83
N VAL A 233 -17.03 -8.79 -8.84
CA VAL A 233 -15.82 -8.81 -8.01
C VAL A 233 -15.67 -7.45 -7.33
N TYR A 234 -15.46 -7.45 -6.02
CA TYR A 234 -15.27 -6.21 -5.28
C TYR A 234 -13.87 -6.25 -4.64
N PHE A 235 -12.94 -5.44 -5.20
CA PHE A 235 -11.58 -5.33 -4.61
C PHE A 235 -11.76 -4.27 -3.51
N ASP A 236 -11.84 -4.72 -2.27
CA ASP A 236 -12.18 -3.84 -1.15
C ASP A 236 -10.96 -3.39 -0.35
N ASN A 237 -10.74 -2.05 -0.28
CA ASN A 237 -9.61 -1.50 0.45
C ASN A 237 -10.13 -0.69 1.66
N VAL A 238 -11.43 -0.49 1.68
CA VAL A 238 -11.97 0.44 2.70
C VAL A 238 -12.98 -0.02 3.78
N GLY A 239 -13.84 -0.98 3.43
CA GLY A 239 -14.82 -1.46 4.41
C GLY A 239 -15.84 -0.39 4.74
N GLY A 240 -16.43 -0.56 5.92
CA GLY A 240 -17.39 0.45 6.36
C GLY A 240 -18.63 0.57 5.46
N ASN A 241 -19.23 1.76 5.48
CA ASN A 241 -20.46 1.97 4.70
C ASN A 241 -20.36 1.81 3.21
N ILE A 242 -19.20 2.16 2.65
CA ILE A 242 -18.99 2.05 1.21
C ILE A 242 -19.13 0.59 0.82
N SER A 243 -18.47 -0.29 1.58
CA SER A 243 -18.57 -1.72 1.27
C SER A 243 -19.98 -2.24 1.47
N ASP A 244 -20.64 -1.75 2.52
CA ASP A 244 -22.05 -2.22 2.67
C ASP A 244 -22.84 -1.86 1.39
N THR A 245 -22.63 -0.66 0.86
CA THR A 245 -23.33 -0.27 -0.38
C THR A 245 -22.96 -1.15 -1.57
N VAL A 246 -21.67 -1.39 -1.75
CA VAL A 246 -21.26 -2.26 -2.83
C VAL A 246 -21.81 -3.67 -2.68
N ILE A 247 -21.71 -4.23 -1.49
CA ILE A 247 -22.20 -5.60 -1.28
C ILE A 247 -23.69 -5.70 -1.61
N SER A 248 -24.43 -4.61 -1.34
CA SER A 248 -25.87 -4.65 -1.69
C SER A 248 -26.17 -4.82 -3.15
N GLN A 249 -25.19 -4.52 -4.04
CA GLN A 249 -25.38 -4.70 -5.45
C GLN A 249 -24.45 -5.80 -6.03
N MET A 250 -23.95 -6.66 -5.16
CA MET A 250 -23.12 -7.78 -5.65
C MET A 250 -23.97 -8.97 -6.08
N ASN A 251 -23.55 -9.62 -7.15
CA ASN A 251 -24.31 -10.74 -7.73
C ASN A 251 -24.12 -12.10 -7.06
N GLU A 252 -24.97 -13.03 -7.49
CA GLU A 252 -24.85 -14.39 -7.00
C GLU A 252 -23.45 -14.96 -7.28
N ASN A 253 -22.89 -15.63 -6.27
CA ASN A 253 -21.56 -16.27 -6.37
C ASN A 253 -20.41 -15.32 -6.63
N SER A 254 -20.61 -14.07 -6.27
CA SER A 254 -19.56 -13.06 -6.46
C SER A 254 -18.50 -13.16 -5.37
N HIS A 255 -17.44 -12.37 -5.54
CA HIS A 255 -16.31 -12.43 -4.63
C HIS A 255 -15.79 -11.10 -4.17
N ILE A 256 -15.58 -10.99 -2.86
CA ILE A 256 -14.97 -9.78 -2.31
C ILE A 256 -13.51 -10.14 -2.06
N ILE A 257 -12.58 -9.38 -2.66
CA ILE A 257 -11.15 -9.55 -2.43
C ILE A 257 -10.97 -8.62 -1.24
N LEU A 258 -10.78 -9.18 -0.05
CA LEU A 258 -10.72 -8.34 1.15
C LEU A 258 -9.29 -7.90 1.40
N CYS A 259 -8.92 -6.82 0.69
CA CYS A 259 -7.57 -6.30 0.78
C CYS A 259 -7.35 -5.55 2.07
N GLY A 260 -8.24 -4.59 2.38
CA GLY A 260 -8.06 -3.86 3.64
C GLY A 260 -9.42 -3.24 4.00
N GLN A 261 -9.47 -2.62 5.17
CA GLN A 261 -10.72 -1.98 5.64
C GLN A 261 -10.30 -0.66 6.29
N ILE A 262 -9.66 0.20 5.50
CA ILE A 262 -9.07 1.38 6.07
C ILE A 262 -10.04 2.35 6.81
N SER A 263 -11.31 2.34 6.45
CA SER A 263 -12.25 3.26 7.14
C SER A 263 -12.40 2.86 8.62
N GLN A 264 -11.94 1.67 8.99
CA GLN A 264 -12.05 1.16 10.38
C GLN A 264 -10.75 1.15 11.18
N TYR A 265 -9.66 1.63 10.59
CA TYR A 265 -8.37 1.52 11.25
C TYR A 265 -8.12 2.37 12.43
N ASN A 266 -8.97 3.39 12.63
CA ASN A 266 -8.83 4.27 13.78
C ASN A 266 -9.85 3.86 14.87
N LYS A 267 -10.26 2.59 14.83
CA LYS A 267 -11.19 2.02 15.85
C LYS A 267 -10.69 0.70 16.41
N ASP A 268 -11.13 0.35 17.63
CA ASP A 268 -10.65 -0.90 18.21
C ASP A 268 -11.31 -2.20 17.74
N VAL A 269 -12.11 -2.15 16.68
CA VAL A 269 -12.75 -3.38 16.18
C VAL A 269 -11.71 -4.38 15.67
N PRO A 270 -11.87 -5.70 15.98
CA PRO A 270 -10.87 -6.67 15.47
C PRO A 270 -10.94 -6.72 13.95
N TYR A 271 -9.85 -7.13 13.31
CA TYR A 271 -9.82 -7.19 11.86
C TYR A 271 -10.02 -8.63 11.34
N PRO A 272 -10.85 -8.82 10.30
CA PRO A 272 -11.60 -7.79 9.57
C PRO A 272 -12.89 -7.64 10.35
N PRO A 273 -13.48 -6.45 10.33
CA PRO A 273 -14.72 -6.26 11.06
C PRO A 273 -15.84 -7.10 10.43
N PRO A 274 -16.71 -7.67 11.26
CA PRO A 274 -17.79 -8.47 10.69
C PRO A 274 -18.74 -7.51 9.98
N LEU A 275 -19.60 -8.08 9.12
CA LEU A 275 -20.59 -7.34 8.38
C LEU A 275 -21.81 -7.27 9.29
N SER A 276 -22.59 -6.20 9.18
CA SER A 276 -23.81 -6.05 9.97
C SER A 276 -24.77 -7.17 9.59
N PRO A 277 -25.73 -7.53 10.46
CA PRO A 277 -26.67 -8.61 10.15
C PRO A 277 -27.40 -8.48 8.81
N ALA A 278 -27.85 -7.28 8.48
CA ALA A 278 -28.55 -7.06 7.25
C ALA A 278 -27.64 -7.29 6.04
N ILE A 279 -26.41 -6.80 6.13
CA ILE A 279 -25.49 -6.99 5.01
C ILE A 279 -24.97 -8.41 4.96
N GLU A 280 -24.69 -8.98 6.13
CA GLU A 280 -24.26 -10.37 6.17
C GLU A 280 -25.39 -11.26 5.61
N ALA A 281 -26.67 -10.90 5.87
CA ALA A 281 -27.81 -11.68 5.34
C ALA A 281 -27.76 -11.73 3.80
N ILE A 282 -27.35 -10.62 3.20
CA ILE A 282 -27.24 -10.50 1.76
C ILE A 282 -26.11 -11.38 1.30
N GLN A 283 -25.00 -11.34 2.03
CA GLN A 283 -23.85 -12.12 1.67
C GLN A 283 -24.20 -13.60 1.68
N LYS A 284 -24.90 -14.00 2.74
CA LYS A 284 -25.26 -15.41 2.84
C LYS A 284 -26.26 -15.79 1.77
N GLU A 285 -27.30 -14.98 1.57
CA GLU A 285 -28.31 -15.31 0.57
C GLU A 285 -27.76 -15.40 -0.85
N ARG A 286 -26.81 -14.52 -1.18
CA ARG A 286 -26.26 -14.53 -2.53
C ARG A 286 -24.99 -15.36 -2.69
N ASN A 287 -24.54 -16.03 -1.65
CA ASN A 287 -23.32 -16.84 -1.69
C ASN A 287 -22.12 -15.96 -2.12
N ILE A 288 -21.99 -14.80 -1.49
CA ILE A 288 -20.87 -13.90 -1.76
C ILE A 288 -19.73 -14.32 -0.84
N THR A 289 -18.56 -14.59 -1.41
CA THR A 289 -17.40 -15.01 -0.63
C THR A 289 -16.61 -13.81 -0.12
N ARG A 290 -16.29 -13.82 1.16
CA ARG A 290 -15.49 -12.76 1.79
C ARG A 290 -14.45 -13.38 2.73
N GLU A 291 -13.31 -13.72 2.17
CA GLU A 291 -12.26 -14.35 2.95
C GLU A 291 -11.13 -13.39 3.23
N ARG A 292 -10.42 -13.61 4.35
CA ARG A 292 -9.27 -12.73 4.63
C ARG A 292 -8.22 -12.95 3.54
N PHE A 293 -7.46 -11.90 3.24
CA PHE A 293 -6.39 -11.98 2.25
C PHE A 293 -5.21 -11.21 2.83
N LEU A 294 -4.11 -11.91 3.09
CA LEU A 294 -2.93 -11.27 3.65
C LEU A 294 -1.83 -11.62 2.68
N VAL A 295 -1.18 -10.61 2.10
CA VAL A 295 -0.21 -10.94 1.07
C VAL A 295 0.97 -11.75 1.57
N LEU A 296 1.27 -11.63 2.86
CA LEU A 296 2.43 -12.41 3.36
C LEU A 296 2.15 -13.90 3.36
N ASN A 297 0.92 -14.33 3.07
CA ASN A 297 0.63 -15.79 3.08
C ASN A 297 0.96 -16.41 1.72
N TYR A 298 1.54 -15.59 0.82
CA TYR A 298 1.81 -16.04 -0.55
C TYR A 298 3.20 -15.66 -1.03
N LYS A 299 4.21 -15.69 -0.15
CA LYS A 299 5.55 -15.29 -0.55
C LYS A 299 6.18 -16.04 -1.76
N ASP A 300 5.75 -17.27 -2.01
CA ASP A 300 6.27 -18.03 -3.16
C ASP A 300 5.71 -17.49 -4.51
N LYS A 301 4.81 -16.51 -4.43
CA LYS A 301 4.28 -15.94 -5.66
C LYS A 301 4.83 -14.53 -5.87
N PHE A 302 5.66 -14.08 -4.93
CA PHE A 302 6.28 -12.74 -4.98
C PHE A 302 7.20 -12.57 -6.18
N GLU A 303 8.16 -13.50 -6.37
CA GLU A 303 9.07 -13.32 -7.50
C GLU A 303 8.38 -13.28 -8.88
N PRO A 304 7.54 -14.27 -9.22
CA PRO A 304 6.87 -14.23 -10.51
C PRO A 304 5.96 -13.00 -10.56
N GLY A 305 5.42 -12.62 -9.40
CA GLY A 305 4.56 -11.43 -9.36
C GLY A 305 5.29 -10.15 -9.74
N ILE A 306 6.43 -9.91 -9.09
CA ILE A 306 7.24 -8.72 -9.39
C ILE A 306 7.62 -8.74 -10.85
N LEU A 307 8.02 -9.90 -11.38
CA LEU A 307 8.39 -9.92 -12.79
C LEU A 307 7.20 -9.61 -13.66
N GLN A 308 6.00 -10.08 -13.28
CA GLN A 308 4.84 -9.79 -14.10
C GLN A 308 4.48 -8.32 -14.02
N LEU A 309 4.55 -7.75 -12.82
CA LEU A 309 4.25 -6.32 -12.66
C LEU A 309 5.28 -5.49 -13.46
N SER A 310 6.56 -5.86 -13.34
CA SER A 310 7.59 -5.14 -14.09
C SER A 310 7.32 -5.25 -15.59
N GLN A 311 7.03 -6.46 -16.05
CA GLN A 311 6.74 -6.62 -17.50
C GLN A 311 5.54 -5.77 -17.98
N TRP A 312 4.45 -5.73 -17.18
CA TRP A 312 3.33 -4.95 -17.60
C TRP A 312 3.74 -3.45 -17.68
N PHE A 313 4.55 -3.01 -16.74
CA PHE A 313 5.03 -1.62 -16.74
C PHE A 313 5.91 -1.36 -17.98
N LYS A 314 6.84 -2.27 -18.23
CA LYS A 314 7.74 -2.12 -19.39
C LYS A 314 7.02 -2.24 -20.73
N GLU A 315 5.89 -2.93 -20.77
CA GLU A 315 5.09 -3.06 -22.01
C GLU A 315 4.21 -1.85 -22.28
N GLY A 316 4.28 -0.88 -21.37
CA GLY A 316 3.49 0.32 -21.47
C GLY A 316 2.04 0.11 -21.08
N LYS A 317 1.72 -0.95 -20.33
CA LYS A 317 0.32 -1.20 -19.98
C LYS A 317 -0.04 -0.75 -18.59
N LEU A 318 0.84 -1.03 -17.65
CA LEU A 318 0.56 -0.63 -16.27
C LEU A 318 1.02 0.79 -16.00
N LYS A 319 0.07 1.63 -15.58
CA LYS A 319 0.42 3.01 -15.26
C LYS A 319 0.67 3.09 -13.74
N ILE A 320 1.85 3.60 -13.38
CA ILE A 320 2.25 3.70 -11.99
C ILE A 320 2.15 5.13 -11.51
N LYS A 321 1.30 5.33 -10.51
CA LYS A 321 1.05 6.64 -9.90
C LYS A 321 1.65 6.76 -8.49
N GLU A 322 2.24 7.91 -8.20
CA GLU A 322 2.70 8.11 -6.83
C GLU A 322 2.59 9.56 -6.45
N THR A 323 2.60 9.79 -5.14
CA THR A 323 2.59 11.16 -4.59
C THR A 323 3.83 11.29 -3.71
N VAL A 324 4.59 12.33 -3.92
CA VAL A 324 5.83 12.52 -3.19
C VAL A 324 5.78 13.75 -2.25
N ILE A 325 6.26 13.52 -1.03
CA ILE A 325 6.46 14.58 -0.04
C ILE A 325 8.00 14.53 0.22
N ASN A 326 8.60 15.69 0.44
CA ASN A 326 10.04 15.75 0.66
C ASN A 326 10.47 15.98 2.06
N GLY A 327 11.50 15.24 2.43
CA GLY A 327 12.13 15.45 3.74
C GLY A 327 11.73 14.58 4.87
N LEU A 328 12.70 14.04 5.59
CA LEU A 328 12.43 13.17 6.71
C LEU A 328 11.59 13.87 7.77
N GLU A 329 11.77 15.20 7.87
CA GLU A 329 10.97 15.93 8.85
C GLU A 329 9.46 15.86 8.52
N ASN A 330 9.10 15.44 7.31
CA ASN A 330 7.70 15.33 6.88
C ASN A 330 7.11 13.90 6.91
N MET A 331 7.83 12.96 7.54
CA MET A 331 7.27 11.60 7.61
C MET A 331 5.93 11.54 8.30
N GLY A 332 5.84 12.24 9.42
CA GLY A 332 4.56 12.20 10.16
C GLY A 332 3.45 12.85 9.37
N ALA A 333 3.78 13.99 8.76
CA ALA A 333 2.80 14.67 7.93
C ALA A 333 2.37 13.79 6.75
N ALA A 334 3.33 13.06 6.15
CA ALA A 334 3.01 12.20 5.02
C ALA A 334 2.11 11.04 5.40
N PHE A 335 2.38 10.48 6.57
CA PHE A 335 1.51 9.39 7.04
C PHE A 335 0.07 9.95 7.28
N GLN A 336 -0.01 11.09 7.96
CA GLN A 336 -1.33 11.70 8.23
C GLN A 336 -2.05 12.06 6.94
N SER A 337 -1.29 12.53 5.93
CA SER A 337 -1.88 12.91 4.65
C SER A 337 -2.41 11.69 3.91
N MET A 338 -1.61 10.62 3.84
CA MET A 338 -2.06 9.44 3.15
C MET A 338 -3.32 8.89 3.82
N MET A 339 -3.32 8.84 5.15
CA MET A 339 -4.46 8.28 5.86
C MET A 339 -5.74 9.05 5.60
N THR A 340 -5.57 10.32 5.29
CA THR A 340 -6.74 11.13 4.99
C THR A 340 -6.94 11.51 3.53
N GLY A 341 -6.33 10.74 2.58
CA GLY A 341 -6.56 10.99 1.19
C GLY A 341 -5.72 11.97 0.34
N GLY A 342 -4.64 12.49 0.91
CA GLY A 342 -3.81 13.41 0.18
C GLY A 342 -3.10 12.82 -1.02
N ASN A 343 -2.96 11.50 -1.02
CA ASN A 343 -2.25 10.84 -2.09
C ASN A 343 -3.03 10.31 -3.24
N ILE A 344 -2.42 10.42 -4.43
CA ILE A 344 -2.87 9.75 -5.61
C ILE A 344 -1.80 8.68 -5.84
N GLY A 345 -2.23 7.43 -5.89
CA GLY A 345 -1.25 6.37 -6.03
C GLY A 345 -0.49 6.20 -4.72
N LYS A 346 0.69 5.63 -4.84
CA LYS A 346 1.49 5.35 -3.67
C LYS A 346 2.11 6.55 -2.99
N GLN A 347 1.89 6.68 -1.69
CA GLN A 347 2.56 7.78 -1.01
C GLN A 347 4.00 7.41 -0.69
N ILE A 348 4.92 8.29 -1.09
CA ILE A 348 6.32 8.15 -0.92
C ILE A 348 6.95 9.38 -0.26
N VAL A 349 8.00 9.23 0.52
CA VAL A 349 8.69 10.41 1.04
C VAL A 349 10.12 10.36 0.50
N CYS A 350 10.54 11.45 -0.15
CA CYS A 350 11.89 11.52 -0.70
C CYS A 350 12.82 12.07 0.39
N ILE A 351 13.81 11.25 0.76
CA ILE A 351 14.74 11.62 1.80
C ILE A 351 16.01 12.23 1.24
N SER A 352 16.44 11.73 0.08
CA SER A 352 17.61 12.24 -0.58
C SER A 352 17.70 11.75 -2.04
N GLU A 353 18.41 12.55 -2.85
CA GLU A 353 18.69 12.18 -4.27
C GLU A 353 20.20 12.15 -4.48
N GLU A 354 20.95 12.13 -3.38
CA GLU A 354 22.40 12.09 -3.46
C GLU A 354 22.91 10.68 -3.79
N ILE A 355 23.18 10.44 -5.07
CA ILE A 355 23.62 9.10 -5.49
C ILE A 355 24.96 9.11 -6.19
N SER A 356 25.83 10.04 -5.88
CA SER A 356 27.09 10.04 -6.60
C SER A 356 28.19 10.74 -5.84
S SO4 B . 25.25 15.03 3.70
O1 SO4 B . 25.92 16.31 3.30
O2 SO4 B . 25.56 13.99 2.70
O3 SO4 B . 25.75 14.61 5.03
O4 SO4 B . 23.79 15.25 3.77
S SO4 C . 28.38 6.39 -3.98
O1 SO4 C . 29.58 7.24 -3.75
O2 SO4 C . 28.29 5.31 -2.97
O3 SO4 C . 27.16 7.24 -3.85
O4 SO4 C . 28.47 5.78 -5.32
S SO4 D . 7.85 -19.84 -9.79
O1 SO4 D . 8.40 -19.23 -8.55
O2 SO4 D . 6.39 -20.09 -9.62
O3 SO4 D . 8.08 -18.92 -10.95
O4 SO4 D . 8.53 -21.13 -10.05
S SO4 E . -18.45 5.42 10.35
O1 SO4 E . -18.11 6.79 9.89
O2 SO4 E . -17.98 5.26 11.77
O3 SO4 E . -19.91 5.19 10.31
O4 SO4 E . -17.75 4.42 9.50
PA NAP F . -3.70 3.94 -0.32
O1A NAP F . -2.62 4.47 -1.17
O2A NAP F . -4.96 3.46 -0.89
O5B NAP F . -3.87 5.17 0.66
C5B NAP F . -4.95 5.02 1.61
C4B NAP F . -6.26 5.74 0.88
O4B NAP F . -7.45 5.35 1.66
C3B NAP F . -6.29 7.36 0.94
O3B NAP F . -5.59 7.95 -0.01
C2B NAP F . -7.89 7.59 0.94
O2B NAP F . -8.28 7.88 -0.37
C1B NAP F . -8.49 6.22 1.44
N9A NAP F . -9.22 6.39 2.71
C8A NAP F . -8.70 6.79 3.89
N7A NAP F . -9.60 6.87 4.92
C5A NAP F . -10.70 6.50 4.30
C6A NAP F . -12.14 6.31 4.74
N6A NAP F . -12.46 6.58 6.10
N1A NAP F . -13.02 5.92 3.81
C2A NAP F . -12.88 5.65 2.56
N3A NAP F . -11.51 5.78 2.08
C4A NAP F . -10.60 6.16 2.86
O3 NAP F . -3.01 2.84 0.69
PN NAP F . -2.62 1.31 0.15
O1N NAP F . -3.00 1.26 -1.20
O2N NAP F . -1.34 1.18 0.66
O5D NAP F . -3.59 0.36 1.10
C5D NAP F . -4.97 0.36 0.57
C4D NAP F . -5.68 -0.62 1.55
O4D NAP F . -4.96 -2.04 1.21
C3D NAP F . -5.52 -0.50 3.03
O3D NAP F . -6.84 -0.94 3.56
C2D NAP F . -4.33 -1.52 3.46
O2D NAP F . -4.47 -1.86 4.79
C1D NAP F . -4.57 -2.61 2.45
N1N NAP F . -3.38 -3.47 2.20
C2N NAP F . -3.60 -4.91 2.44
C3N NAP F . -2.56 -5.74 2.24
C7N NAP F . -2.71 -7.21 2.45
O7N NAP F . -1.74 -7.95 2.49
N7N NAP F . -3.98 -7.57 2.50
C4N NAP F . -1.34 -5.24 1.82
C5N NAP F . -1.13 -3.81 1.58
C6N NAP F . -2.19 -2.91 1.78
P2B NAP F . -9.74 8.53 -0.71
O1X NAP F . -10.27 7.79 -1.84
O2X NAP F . -10.54 8.45 0.61
O3X NAP F . -9.43 9.94 -1.08
C5 5OP G . -3.65 -5.06 6.09
C6 5OP G . -2.37 -4.47 5.59
C7 5OP G . -1.27 -5.23 5.69
C8 5OP G . -0.02 -4.89 5.31
C9 5OP G . 0.95 -5.96 5.18
C10 5OP G . 1.95 -6.07 4.26
O1 5OP G . 1.70 -6.13 3.06
C11 5OP G . 2.66 -7.19 4.44
C12 5OP G . 2.62 -7.54 5.95
O2 5OP G . 3.44 -7.97 6.77
C13 5OP G . 1.72 -6.32 6.58
C14 5OP G . 2.87 -5.33 7.06
C15 5OP G . 4.25 -4.90 6.52
C16 5OP G . 5.58 -5.55 6.37
C17 5OP G . 6.42 -6.10 7.39
C18 5OP G . 6.34 -7.66 7.60
C19 5OP G . 7.44 -8.43 6.88
C20 5OP G . 7.50 -9.95 6.99
O3 5OP G . 7.91 -10.67 6.03
O4 5OP G . -2.33 -3.36 5.11
O5 5OP G . 7.14 -10.34 8.14
#